data_5HWO
#
_entry.id   5HWO
#
_cell.length_a   73.349
_cell.length_b   73.349
_cell.length_c   277.276
_cell.angle_alpha   90.000
_cell.angle_beta   90.000
_cell.angle_gamma   120.000
#
_symmetry.space_group_name_H-M   'P 61 2 2'
#
loop_
_entity.id
_entity.type
_entity.pdbx_description
1 polymer 'Hydroxymethylglutaryl-CoA synthase'
2 non-polymer '3-HYDROXY-3-METHYLGLUTARYL-COENZYME A'
3 non-polymer GLYCEROL
4 non-polymer 'SULFATE ION'
5 water water
#
_entity_poly.entity_id   1
_entity_poly.type   'polypeptide(L)'
_entity_poly.pdbx_seq_one_letter_code
;GHMKKRVGIEALAVAVPSRYVDIEDLARARGVDPAKYTAGLGAREMAVTDPGEDTVALAATAAARLIRQQDVDPSRIGML
VVGTETGIDHSKPVASHVQGLLKLPRTMRTYDTQHACYGGTAGLMAAVEWIASGAGAGKVAVVVCSDIARYGLNTAGEPT
QGGGAVALLVSEQPDLLAMDVGLNGVCSMDVYDFWRPVGRREALVDGHYSITCYLEALSGAYRGWREKALAAGLVRWSDA
LPGEQLARIAYHVPFCKMARKAHTQLRLCDLEDAADAAASTPESREAQAKSAASYDAQVATSLGLNSRIGNVYTASLYLA
LAGLLQHEAGALAGQRIGLLSYGSGCAAEFYSGTVGEKAAERMAKADLEAVLARRERVSIEEYERLMKLPADAPEAVAPS
PGAFRLTEIRDHRRQYAEGN
;
_entity_poly.pdbx_strand_id   A
#
# COMPACT_ATOMS: atom_id res chain seq x y z
N MET A 3 1.47 -9.03 -31.86
CA MET A 3 0.93 -9.50 -30.59
C MET A 3 1.49 -8.68 -29.42
N LYS A 4 0.70 -7.73 -28.93
CA LYS A 4 1.11 -6.84 -27.84
C LYS A 4 1.00 -7.58 -26.51
N LYS A 5 2.13 -7.85 -25.88
CA LYS A 5 2.17 -8.48 -24.57
C LYS A 5 2.01 -7.42 -23.49
N ARG A 6 1.34 -7.80 -22.43
CA ARG A 6 1.06 -6.95 -21.29
C ARG A 6 1.37 -7.72 -20.03
N VAL A 7 1.77 -7.01 -18.99
CA VAL A 7 2.04 -7.59 -17.68
C VAL A 7 1.72 -6.56 -16.62
N GLY A 8 1.24 -7.02 -15.46
CA GLY A 8 0.90 -6.10 -14.40
C GLY A 8 -0.11 -6.70 -13.42
N ILE A 9 -0.89 -5.81 -12.83
CA ILE A 9 -1.83 -6.19 -11.80
C ILE A 9 -3.17 -6.51 -12.46
N GLU A 10 -3.66 -7.74 -12.25
CA GLU A 10 -4.93 -8.19 -12.78
C GLU A 10 -6.10 -7.87 -11.86
N ALA A 11 -5.90 -7.94 -10.54
CA ALA A 11 -6.95 -7.72 -9.56
C ALA A 11 -6.32 -7.56 -8.20
N LEU A 12 -7.13 -7.16 -7.23
CA LEU A 12 -6.66 -7.04 -5.85
C LEU A 12 -7.79 -7.38 -4.90
N ALA A 13 -7.41 -7.67 -3.66
CA ALA A 13 -8.35 -7.88 -2.56
C ALA A 13 -7.77 -7.23 -1.31
N VAL A 14 -8.66 -6.84 -0.39
CA VAL A 14 -8.26 -6.16 0.84
C VAL A 14 -8.79 -6.92 2.03
N ALA A 15 -7.96 -7.00 3.07
CA ALA A 15 -8.39 -7.42 4.41
C ALA A 15 -8.06 -6.32 5.42
N VAL A 16 -8.97 -6.09 6.36
CA VAL A 16 -8.75 -5.12 7.44
C VAL A 16 -9.01 -5.79 8.78
N PRO A 17 -8.42 -5.26 9.86
CA PRO A 17 -8.75 -5.77 11.20
C PRO A 17 -10.23 -5.59 11.53
N SER A 18 -10.70 -6.39 12.49
CA SER A 18 -12.12 -6.40 12.83
C SER A 18 -12.57 -5.15 13.57
N ARG A 19 -11.65 -4.36 14.12
CA ARG A 19 -11.98 -3.22 14.96
C ARG A 19 -11.31 -1.95 14.45
N TYR A 20 -11.91 -0.81 14.79
CA TYR A 20 -11.26 0.48 14.54
C TYR A 20 -11.67 1.46 15.64
N VAL A 21 -10.96 2.59 15.71
CA VAL A 21 -11.36 3.69 16.58
C VAL A 21 -11.61 4.94 15.74
N ASP A 22 -12.48 5.79 16.26
CA ASP A 22 -12.70 7.12 15.69
C ASP A 22 -11.50 7.99 16.04
N ILE A 23 -10.94 8.69 15.05
CA ILE A 23 -9.68 9.42 15.29
C ILE A 23 -9.88 10.60 16.23
N GLU A 24 -11.07 11.20 16.22
CA GLU A 24 -11.33 12.28 17.16
C GLU A 24 -11.37 11.76 18.60
N ASP A 25 -11.84 10.54 18.82
CA ASP A 25 -11.76 9.96 20.17
C ASP A 25 -10.32 9.84 20.63
N LEU A 26 -9.42 9.43 19.71
CA LEU A 26 -8.00 9.34 20.07
C LEU A 26 -7.45 10.71 20.46
N ALA A 27 -7.78 11.74 19.68
CA ALA A 27 -7.29 13.08 20.00
C ALA A 27 -7.72 13.49 21.41
N ARG A 28 -8.99 13.29 21.72
CA ARG A 28 -9.48 13.68 23.04
C ARG A 28 -8.77 12.91 24.15
N ALA A 29 -8.54 11.61 23.96
CA ALA A 29 -7.83 10.82 24.94
C ALA A 29 -6.40 11.29 25.16
N ARG A 30 -5.82 11.95 24.17
CA ARG A 30 -4.45 12.41 24.23
C ARG A 30 -4.31 13.89 24.54
N GLY A 31 -5.43 14.59 24.78
CA GLY A 31 -5.36 16.02 25.03
C GLY A 31 -4.98 16.83 23.81
N VAL A 32 -5.33 16.34 22.62
CA VAL A 32 -4.97 16.94 21.34
C VAL A 32 -6.23 17.50 20.71
N ASP A 33 -6.09 18.64 20.01
CA ASP A 33 -7.21 19.18 19.25
C ASP A 33 -7.59 18.18 18.15
N PRO A 34 -8.83 17.72 18.09
CA PRO A 34 -9.18 16.73 17.05
CA PRO A 34 -9.18 16.73 17.05
C PRO A 34 -8.92 17.22 15.64
N ALA A 35 -8.94 18.53 15.42
CA ALA A 35 -8.68 19.02 14.07
C ALA A 35 -7.25 18.78 13.63
N LYS A 36 -6.31 18.60 14.58
CA LYS A 36 -4.96 18.22 14.17
C LYS A 36 -4.99 16.91 13.41
N TYR A 37 -5.84 15.97 13.85
CA TYR A 37 -5.92 14.67 13.18
C TYR A 37 -6.81 14.71 11.94
N THR A 38 -7.97 15.36 12.02
CA THR A 38 -8.90 15.30 10.89
C THR A 38 -8.49 16.24 9.76
N ALA A 39 -8.06 17.45 10.09
CA ALA A 39 -7.58 18.39 9.09
C ALA A 39 -6.07 18.31 8.91
N GLY A 40 -5.32 18.33 10.01
CA GLY A 40 -3.87 18.32 9.89
C GLY A 40 -3.33 17.10 9.19
N LEU A 41 -3.80 15.92 9.59
CA LEU A 41 -3.34 14.66 9.02
C LEU A 41 -4.29 14.07 7.98
N GLY A 42 -5.58 14.42 8.02
CA GLY A 42 -6.56 13.88 7.08
C GLY A 42 -7.17 12.56 7.49
N ALA A 43 -7.02 12.15 8.75
CA ALA A 43 -7.51 10.88 9.25
C ALA A 43 -9.00 10.95 9.59
N ARG A 44 -9.65 9.78 9.50
CA ARG A 44 -11.02 9.63 9.97
C ARG A 44 -11.15 8.49 10.98
N GLU A 45 -10.71 7.29 10.60
CA GLU A 45 -10.80 6.13 11.47
C GLU A 45 -9.47 5.38 11.38
N MET A 46 -9.08 4.78 12.50
CA MET A 46 -7.81 4.09 12.63
C MET A 46 -8.07 2.62 12.96
N ALA A 47 -7.63 1.73 12.10
CA ALA A 47 -7.69 0.31 12.44
C ALA A 47 -6.84 0.02 13.67
N VAL A 48 -7.36 -0.85 14.53
CA VAL A 48 -6.62 -1.34 15.70
C VAL A 48 -6.74 -2.85 15.70
N THR A 49 -5.74 -3.51 16.26
CA THR A 49 -5.69 -4.97 16.22
C THR A 49 -5.66 -5.58 17.61
N ASP A 50 -5.95 -6.90 17.64
CA ASP A 50 -5.54 -7.74 18.75
C ASP A 50 -4.54 -8.76 18.22
N PRO A 51 -3.83 -9.49 19.09
CA PRO A 51 -2.75 -10.35 18.61
C PRO A 51 -3.19 -11.45 17.65
N GLY A 52 -4.47 -11.82 17.64
CA GLY A 52 -4.96 -12.78 16.67
C GLY A 52 -4.90 -12.27 15.25
N GLU A 53 -4.88 -10.97 15.07
CA GLU A 53 -4.77 -10.38 13.74
C GLU A 53 -3.31 -10.04 13.49
N ASP A 54 -2.54 -11.10 13.27
CA ASP A 54 -1.12 -10.96 13.01
C ASP A 54 -0.89 -10.83 11.51
N THR A 55 0.37 -10.68 11.13
CA THR A 55 0.70 -10.44 9.73
C THR A 55 0.23 -11.59 8.86
N VAL A 56 0.37 -12.82 9.36
CA VAL A 56 -0.04 -14.00 8.61
C VAL A 56 -1.54 -14.01 8.43
N ALA A 57 -2.29 -13.82 9.52
CA ALA A 57 -3.75 -13.89 9.43
C ALA A 57 -4.30 -12.87 8.45
N LEU A 58 -3.80 -11.63 8.51
CA LEU A 58 -4.27 -10.60 7.58
C LEU A 58 -3.87 -10.93 6.15
N ALA A 59 -2.64 -11.40 5.94
CA ALA A 59 -2.19 -11.74 4.59
C ALA A 59 -3.02 -12.89 4.00
N ALA A 60 -3.24 -13.93 4.80
CA ALA A 60 -4.00 -15.09 4.34
C ALA A 60 -5.45 -14.72 4.08
N THR A 61 -6.02 -13.86 4.92
CA THR A 61 -7.39 -13.42 4.66
C THR A 61 -7.49 -12.71 3.32
N ALA A 62 -6.56 -11.79 3.06
CA ALA A 62 -6.57 -11.06 1.79
C ALA A 62 -6.32 -11.99 0.61
N ALA A 63 -5.35 -12.90 0.72
CA ALA A 63 -5.02 -13.75 -0.41
C ALA A 63 -6.14 -14.75 -0.70
N ALA A 64 -6.74 -15.31 0.35
CA ALA A 64 -7.87 -16.21 0.13
C ALA A 64 -9.05 -15.48 -0.50
N ARG A 65 -9.29 -14.25 -0.05
CA ARG A 65 -10.38 -13.45 -0.61
C ARG A 65 -10.13 -13.16 -2.10
N LEU A 66 -8.90 -12.82 -2.45
CA LEU A 66 -8.54 -12.63 -3.86
C LEU A 66 -8.86 -13.87 -4.70
N ILE A 67 -8.44 -15.04 -4.21
CA ILE A 67 -8.63 -16.27 -4.97
C ILE A 67 -10.11 -16.56 -5.15
N ARG A 68 -10.90 -16.38 -4.09
CA ARG A 68 -12.34 -16.65 -4.18
C ARG A 68 -13.06 -15.62 -5.04
N GLN A 69 -12.81 -14.32 -4.79
CA GLN A 69 -13.52 -13.28 -5.51
C GLN A 69 -13.20 -13.30 -7.00
N GLN A 70 -11.96 -13.62 -7.37
CA GLN A 70 -11.52 -13.57 -8.75
C GLN A 70 -11.49 -14.94 -9.42
N ASP A 71 -11.88 -15.98 -8.71
CA ASP A 71 -11.87 -17.35 -9.26
C ASP A 71 -10.51 -17.70 -9.86
N VAL A 72 -9.48 -17.51 -9.06
CA VAL A 72 -8.13 -17.89 -9.45
C VAL A 72 -7.97 -19.39 -9.32
N ASP A 73 -7.35 -20.01 -10.33
CA ASP A 73 -6.95 -21.41 -10.24
C ASP A 73 -5.67 -21.46 -9.40
N PRO A 74 -5.71 -22.01 -8.18
CA PRO A 74 -4.52 -21.94 -7.32
C PRO A 74 -3.30 -22.61 -7.92
N SER A 75 -3.49 -23.58 -8.81
CA SER A 75 -2.37 -24.29 -9.40
C SER A 75 -1.68 -23.49 -10.50
N ARG A 76 -2.21 -22.32 -10.85
CA ARG A 76 -1.55 -21.43 -11.79
CA ARG A 76 -1.55 -21.43 -11.79
C ARG A 76 -0.62 -20.44 -11.11
N ILE A 77 -0.61 -20.39 -9.78
CA ILE A 77 0.25 -19.48 -9.03
C ILE A 77 1.66 -20.07 -9.03
N GLY A 78 2.62 -19.33 -9.60
CA GLY A 78 4.01 -19.73 -9.58
C GLY A 78 4.92 -18.93 -8.66
N MET A 79 4.39 -17.87 -8.06
CA MET A 79 5.11 -17.06 -7.07
C MET A 79 4.11 -16.56 -6.06
N LEU A 80 4.44 -16.71 -4.77
CA LEU A 80 3.69 -16.12 -3.67
C LEU A 80 4.69 -15.37 -2.81
N VAL A 81 4.60 -14.04 -2.82
CA VAL A 81 5.54 -13.18 -2.13
C VAL A 81 4.76 -12.30 -1.17
N VAL A 82 5.25 -12.16 0.04
CA VAL A 82 4.67 -11.24 1.02
C VAL A 82 5.67 -10.12 1.27
N GLY A 83 5.26 -8.89 0.96
CA GLY A 83 6.00 -7.71 1.38
C GLY A 83 5.51 -7.32 2.75
N THR A 84 6.43 -7.18 3.69
CA THR A 84 6.07 -6.84 5.05
C THR A 84 7.27 -6.25 5.75
N GLU A 85 6.97 -5.42 6.77
CA GLU A 85 7.92 -5.03 7.79
C GLU A 85 7.46 -5.48 9.17
N THR A 86 6.50 -6.42 9.19
CA THR A 86 5.94 -6.93 10.43
C THR A 86 6.17 -8.45 10.43
N GLY A 87 7.41 -8.86 10.17
CA GLY A 87 7.72 -10.28 10.12
C GLY A 87 7.59 -10.93 11.47
N ILE A 88 7.32 -12.23 11.47
CA ILE A 88 7.06 -12.96 12.70
C ILE A 88 8.06 -14.09 12.92
N ASP A 89 9.01 -14.26 12.02
CA ASP A 89 10.07 -15.25 12.18
C ASP A 89 11.28 -14.72 11.42
N HIS A 90 12.48 -14.99 11.94
CA HIS A 90 13.67 -14.59 11.22
C HIS A 90 13.91 -15.42 9.97
N SER A 91 13.39 -16.64 9.94
CA SER A 91 13.68 -17.57 8.86
C SER A 91 12.44 -17.95 8.06
N LYS A 92 11.39 -18.36 8.74
CA LYS A 92 10.22 -18.88 8.08
C LYS A 92 9.39 -17.71 7.59
N PRO A 93 9.11 -17.62 6.29
CA PRO A 93 8.43 -16.43 5.77
C PRO A 93 6.93 -16.47 5.96
N VAL A 94 6.34 -15.28 6.08
CA VAL A 94 4.88 -15.17 6.06
C VAL A 94 4.29 -15.88 4.85
N ALA A 95 4.96 -15.79 3.71
CA ALA A 95 4.47 -16.45 2.51
C ALA A 95 4.31 -17.96 2.69
N SER A 96 5.19 -18.61 3.45
CA SER A 96 5.02 -20.05 3.67
C SER A 96 3.79 -20.35 4.50
N HIS A 97 3.54 -19.56 5.55
CA HIS A 97 2.31 -19.73 6.32
C HIS A 97 1.08 -19.51 5.45
N VAL A 98 1.08 -18.46 4.64
CA VAL A 98 -0.07 -18.19 3.76
C VAL A 98 -0.33 -19.37 2.84
N GLN A 99 0.73 -19.92 2.25
CA GLN A 99 0.61 -21.09 1.38
C GLN A 99 -0.09 -22.22 2.10
N GLY A 100 0.33 -22.50 3.34
CA GLY A 100 -0.30 -23.58 4.08
C GLY A 100 -1.73 -23.30 4.45
N LEU A 101 -2.00 -22.10 4.97
CA LEU A 101 -3.35 -21.79 5.40
C LEU A 101 -4.34 -21.89 4.24
N LEU A 102 -3.91 -21.45 3.06
CA LEU A 102 -4.75 -21.50 1.87
C LEU A 102 -4.74 -22.85 1.18
N LYS A 103 -3.94 -23.80 1.67
CA LYS A 103 -3.85 -25.12 1.07
C LYS A 103 -3.43 -25.03 -0.40
N LEU A 104 -2.48 -24.17 -0.66
CA LEU A 104 -2.00 -24.01 -2.02
C LEU A 104 -1.06 -25.13 -2.40
N PRO A 105 -0.98 -25.45 -3.69
CA PRO A 105 -0.06 -26.51 -4.16
C PRO A 105 1.39 -26.06 -4.18
N ARG A 106 2.25 -26.91 -4.71
CA ARG A 106 3.68 -26.85 -4.42
C ARG A 106 4.51 -26.13 -5.47
N THR A 107 4.00 -25.91 -6.67
CA THR A 107 4.85 -25.43 -7.77
CA THR A 107 4.82 -25.43 -7.80
C THR A 107 4.88 -23.91 -7.81
N MET A 108 5.42 -23.34 -6.72
CA MET A 108 5.60 -21.91 -6.64
C MET A 108 6.81 -21.55 -5.78
N ARG A 109 7.46 -20.44 -6.13
CA ARG A 109 8.39 -19.78 -5.22
C ARG A 109 7.59 -19.16 -4.08
N THR A 110 8.12 -19.24 -2.86
CA THR A 110 7.57 -18.50 -1.73
C THR A 110 8.70 -17.76 -1.02
N TYR A 111 8.47 -16.49 -0.68
CA TYR A 111 9.42 -15.73 0.11
C TYR A 111 8.79 -14.41 0.49
N ASP A 112 9.42 -13.73 1.46
CA ASP A 112 9.03 -12.39 1.87
C ASP A 112 10.08 -11.38 1.39
N THR A 113 9.63 -10.16 1.15
CA THR A 113 10.50 -9.03 0.81
C THR A 113 10.42 -7.95 1.88
N GLN A 114 11.55 -7.29 2.16
CA GLN A 114 11.63 -6.33 3.25
C GLN A 114 12.38 -5.09 2.81
N HIS A 115 11.68 -3.97 2.85
CA HIS A 115 12.30 -2.64 2.93
C HIS A 115 11.22 -1.66 3.35
N ALA A 116 10.95 -1.62 4.65
CA ALA A 116 9.93 -0.73 5.19
C ALA A 116 8.67 -0.75 4.32
N CYS A 117 8.11 0.40 3.95
CA CYS A 117 6.89 0.43 3.14
C CYS A 117 7.11 0.20 1.66
N TYR A 118 8.33 -0.05 1.24
CA TYR A 118 8.67 -0.37 -0.16
C TYR A 118 8.65 -1.87 -0.43
N GLY A 119 8.61 -2.71 0.61
CA GLY A 119 8.73 -4.15 0.41
C GLY A 119 7.70 -4.75 -0.53
N GLY A 120 6.46 -4.27 -0.49
CA GLY A 120 5.47 -4.82 -1.38
C GLY A 120 5.76 -4.52 -2.83
N THR A 121 6.14 -3.28 -3.11
CA THR A 121 6.54 -2.90 -4.46
C THR A 121 7.73 -3.72 -4.96
N ALA A 122 8.72 -3.98 -4.11
CA ALA A 122 9.86 -4.80 -4.53
C ALA A 122 9.40 -6.17 -4.99
N GLY A 123 8.50 -6.77 -4.22
CA GLY A 123 7.93 -8.07 -4.61
C GLY A 123 7.06 -8.00 -5.84
N LEU A 124 6.28 -6.93 -5.99
CA LEU A 124 5.50 -6.73 -7.22
C LEU A 124 6.41 -6.72 -8.44
N MET A 125 7.51 -5.96 -8.39
CA MET A 125 8.42 -5.90 -9.53
C MET A 125 9.07 -7.25 -9.80
N ALA A 126 9.40 -8.00 -8.73
CA ALA A 126 9.96 -9.33 -8.94
C ALA A 126 8.97 -10.25 -9.65
N ALA A 127 7.68 -10.17 -9.30
CA ALA A 127 6.66 -10.96 -9.97
C ALA A 127 6.44 -10.52 -11.41
N VAL A 128 6.36 -9.21 -11.63
CA VAL A 128 6.15 -8.66 -12.97
C VAL A 128 7.28 -9.06 -13.89
N GLU A 129 8.51 -8.99 -13.39
CA GLU A 129 9.67 -9.26 -14.22
C GLU A 129 9.90 -10.76 -14.40
N TRP A 130 9.51 -11.56 -13.41
CA TRP A 130 9.46 -13.00 -13.65
C TRP A 130 8.57 -13.31 -14.85
N ILE A 131 7.37 -12.73 -14.91
CA ILE A 131 6.49 -12.95 -16.04
C ILE A 131 7.08 -12.36 -17.31
N ALA A 132 7.53 -11.10 -17.26
CA ALA A 132 7.98 -10.43 -18.48
C ALA A 132 9.27 -11.03 -19.05
N SER A 133 10.08 -11.67 -18.22
CA SER A 133 11.26 -12.38 -18.71
C SER A 133 10.91 -13.62 -19.53
N GLY A 134 9.66 -14.06 -19.48
CA GLY A 134 9.20 -15.32 -20.04
C GLY A 134 9.10 -16.47 -19.06
N ALA A 135 9.81 -16.37 -17.93
CA ALA A 135 9.84 -17.47 -16.98
C ALA A 135 8.45 -17.76 -16.43
N GLY A 136 7.66 -16.72 -16.17
CA GLY A 136 6.32 -16.85 -15.67
C GLY A 136 5.23 -16.86 -16.72
N ALA A 137 5.58 -16.98 -18.00
CA ALA A 137 4.56 -17.04 -19.03
C ALA A 137 3.62 -18.21 -18.77
N GLY A 138 2.32 -17.94 -18.87
CA GLY A 138 1.29 -18.92 -18.61
C GLY A 138 0.88 -19.07 -17.16
N LYS A 139 1.55 -18.41 -16.25
CA LYS A 139 1.26 -18.50 -14.82
C LYS A 139 0.96 -17.11 -14.26
N VAL A 140 0.57 -17.07 -12.99
CA VAL A 140 0.26 -15.84 -12.27
C VAL A 140 1.09 -15.83 -11.00
N ALA A 141 1.16 -14.64 -10.38
CA ALA A 141 1.76 -14.48 -9.07
C ALA A 141 0.75 -13.83 -8.14
N VAL A 142 0.92 -14.08 -6.85
CA VAL A 142 0.17 -13.37 -5.81
C VAL A 142 1.19 -12.68 -4.92
N VAL A 143 1.08 -11.36 -4.82
CA VAL A 143 1.95 -10.53 -3.99
C VAL A 143 1.08 -9.87 -2.96
N VAL A 144 1.35 -10.15 -1.69
CA VAL A 144 0.54 -9.67 -0.59
C VAL A 144 1.35 -8.67 0.21
N CYS A 145 0.79 -7.50 0.42
CA CYS A 145 1.37 -6.47 1.25
C CYS A 145 0.61 -6.55 2.57
N SER A 146 1.29 -6.93 3.65
CA SER A 146 0.60 -7.12 4.92
C SER A 146 1.41 -6.51 6.06
N ASP A 147 0.76 -5.71 6.91
CA ASP A 147 1.50 -5.01 7.95
C ASP A 147 0.57 -4.54 9.05
N ILE A 148 1.15 -4.34 10.22
CA ILE A 148 0.49 -3.70 11.35
C ILE A 148 1.41 -2.58 11.82
N ALA A 149 0.93 -1.34 11.73
CA ALA A 149 1.73 -0.16 12.04
C ALA A 149 1.50 0.26 13.48
N ARG A 150 2.56 0.18 14.27
CA ARG A 150 2.50 0.42 15.71
C ARG A 150 3.60 1.39 16.10
N TYR A 151 3.22 2.55 16.60
CA TYR A 151 4.15 3.53 17.14
C TYR A 151 4.14 3.59 18.66
N GLY A 152 3.00 3.30 19.29
CA GLY A 152 2.92 3.25 20.73
C GLY A 152 2.05 4.35 21.32
N LEU A 153 1.52 4.08 22.50
CA LEU A 153 0.69 5.06 23.21
C LEU A 153 1.48 6.33 23.47
N ASN A 154 0.82 7.46 23.23
CA ASN A 154 1.36 8.78 23.57
C ASN A 154 2.58 9.16 22.73
N THR A 155 2.71 8.62 21.51
CA THR A 155 3.79 8.97 20.61
C THR A 155 3.26 9.82 19.45
N ALA A 156 4.17 10.59 18.82
CA ALA A 156 3.77 11.45 17.70
C ALA A 156 3.22 10.62 16.55
N GLY A 157 3.71 9.40 16.36
CA GLY A 157 3.24 8.59 15.26
C GLY A 157 1.92 7.88 15.50
N GLU A 158 1.46 7.83 16.75
CA GLU A 158 0.27 7.05 17.12
C GLU A 158 -0.93 7.30 16.22
N PRO A 159 -1.31 8.56 15.91
CA PRO A 159 -2.49 8.77 15.07
C PRO A 159 -2.32 8.36 13.63
N THR A 160 -1.15 7.87 13.20
CA THR A 160 -0.99 7.36 11.86
C THR A 160 -0.94 5.84 11.82
N GLN A 161 -1.23 5.17 12.93
CA GLN A 161 -1.26 3.71 12.99
C GLN A 161 -2.36 3.16 12.11
N GLY A 162 -2.30 1.84 11.91
CA GLY A 162 -3.24 1.13 11.08
C GLY A 162 -2.78 -0.30 10.89
N GLY A 163 -3.54 -1.05 10.12
CA GLY A 163 -3.17 -2.44 9.84
C GLY A 163 -4.10 -3.03 8.81
N GLY A 164 -3.63 -4.10 8.18
CA GLY A 164 -4.41 -4.75 7.14
C GLY A 164 -3.49 -5.37 6.09
N ALA A 165 -4.10 -5.79 4.99
CA ALA A 165 -3.36 -6.42 3.91
C ALA A 165 -4.06 -6.17 2.57
N VAL A 166 -3.25 -6.05 1.52
CA VAL A 166 -3.75 -6.00 0.14
C VAL A 166 -3.05 -7.11 -0.63
N ALA A 167 -3.83 -7.98 -1.25
CA ALA A 167 -3.30 -9.05 -2.08
C ALA A 167 -3.46 -8.65 -3.54
N LEU A 168 -2.38 -8.75 -4.31
CA LEU A 168 -2.34 -8.39 -5.72
C LEU A 168 -2.18 -9.65 -6.56
N LEU A 169 -3.04 -9.79 -7.56
CA LEU A 169 -2.90 -10.81 -8.60
C LEU A 169 -2.09 -10.21 -9.73
N VAL A 170 -0.99 -10.86 -10.10
CA VAL A 170 -0.06 -10.37 -11.11
C VAL A 170 -0.05 -11.37 -12.26
N SER A 171 -0.22 -10.88 -13.48
CA SER A 171 -0.38 -11.79 -14.61
C SER A 171 -0.13 -11.11 -15.95
N GLU A 172 -0.24 -11.89 -17.02
CA GLU A 172 -0.25 -11.41 -18.40
C GLU A 172 -1.60 -10.87 -18.82
N GLN A 173 -2.57 -10.83 -17.91
CA GLN A 173 -3.89 -10.25 -18.17
C GLN A 173 -4.11 -9.15 -17.14
N PRO A 174 -3.31 -8.06 -17.21
CA PRO A 174 -3.30 -7.07 -16.11
C PRO A 174 -4.44 -6.08 -16.20
N ASP A 175 -5.64 -6.56 -15.88
CA ASP A 175 -6.86 -5.79 -16.06
C ASP A 175 -6.86 -4.51 -15.26
N LEU A 176 -6.24 -4.48 -14.07
CA LEU A 176 -6.18 -3.22 -13.31
C LEU A 176 -5.11 -2.29 -13.84
N LEU A 177 -3.90 -2.79 -14.09
CA LEU A 177 -2.80 -1.90 -14.43
C LEU A 177 -1.79 -2.67 -15.26
N ALA A 178 -1.72 -2.36 -16.56
CA ALA A 178 -0.71 -2.92 -17.46
C ALA A 178 0.53 -2.05 -17.30
N MET A 179 1.53 -2.58 -16.60
CA MET A 179 2.66 -1.78 -16.19
C MET A 179 3.65 -1.59 -17.35
N ASP A 180 4.26 -0.41 -17.37
CA ASP A 180 5.27 -0.07 -18.36
C ASP A 180 6.60 -0.64 -17.88
N VAL A 181 6.92 -1.82 -18.37
CA VAL A 181 8.12 -2.53 -17.93
C VAL A 181 9.36 -1.74 -18.34
N GLY A 182 10.29 -1.62 -17.41
CA GLY A 182 11.57 -0.99 -17.67
C GLY A 182 11.60 0.51 -17.60
N LEU A 183 10.47 1.18 -17.37
CA LEU A 183 10.45 2.63 -17.28
C LEU A 183 10.57 3.16 -15.87
N ASN A 184 10.69 2.30 -14.86
CA ASN A 184 10.65 2.78 -13.50
C ASN A 184 11.80 3.74 -13.22
N GLY A 185 11.54 4.72 -12.36
CA GLY A 185 12.60 5.48 -11.74
C GLY A 185 12.76 5.06 -10.29
N VAL A 186 13.98 5.16 -9.78
CA VAL A 186 14.28 4.70 -8.43
C VAL A 186 15.31 5.62 -7.77
N CYS A 187 15.19 5.78 -6.45
CA CYS A 187 16.13 6.59 -5.69
C CYS A 187 16.20 6.03 -4.27
N SER A 188 17.39 5.64 -3.85
CA SER A 188 17.58 5.01 -2.55
C SER A 188 18.86 5.50 -1.90
N MET A 189 18.81 5.63 -0.58
CA MET A 189 19.99 5.99 0.18
C MET A 189 19.81 5.55 1.62
N ASP A 190 20.93 5.30 2.29
CA ASP A 190 20.95 4.76 3.65
C ASP A 190 20.66 5.87 4.65
N VAL A 191 19.50 5.82 5.27
CA VAL A 191 19.08 6.82 6.26
C VAL A 191 18.41 6.13 7.45
N TYR A 192 18.36 6.87 8.55
CA TYR A 192 17.64 6.48 9.75
C TYR A 192 16.47 7.44 10.00
N ASP A 193 15.53 7.46 9.06
CA ASP A 193 14.32 8.26 9.27
C ASP A 193 13.28 7.52 10.09
N PHE A 194 13.18 6.21 9.89
CA PHE A 194 12.22 5.34 10.57
C PHE A 194 12.81 3.94 10.54
N TRP A 195 12.68 3.21 11.63
CA TRP A 195 13.20 1.85 11.69
C TRP A 195 12.59 1.17 12.91
N ARG A 196 12.80 -0.15 13.01
CA ARG A 196 12.25 -0.89 14.14
C ARG A 196 13.15 -2.07 14.48
N PRO A 197 14.07 -1.91 15.43
CA PRO A 197 15.02 -2.97 15.76
C PRO A 197 14.31 -4.24 16.19
N VAL A 198 15.00 -5.36 15.98
CA VAL A 198 14.49 -6.66 16.43
C VAL A 198 14.29 -6.59 17.94
N GLY A 199 13.14 -7.06 18.41
CA GLY A 199 12.85 -6.98 19.83
C GLY A 199 12.16 -5.70 20.28
N ARG A 200 11.88 -4.77 19.36
CA ARG A 200 11.06 -3.61 19.65
C ARG A 200 9.74 -3.77 18.90
N ARG A 201 8.66 -3.75 19.65
CA ARG A 201 7.34 -3.87 19.07
C ARG A 201 6.88 -2.58 18.40
N GLU A 202 7.40 -1.43 18.80
CA GLU A 202 6.99 -0.14 18.27
CA GLU A 202 6.99 -0.15 18.26
C GLU A 202 8.14 0.49 17.47
N ALA A 203 7.77 1.19 16.40
CA ALA A 203 8.75 1.81 15.52
C ALA A 203 9.41 3.03 16.19
N LEU A 204 10.63 3.31 15.74
CA LEU A 204 11.36 4.52 16.06
C LEU A 204 11.31 5.42 14.83
N VAL A 205 11.14 6.72 15.03
CA VAL A 205 10.95 7.62 13.89
C VAL A 205 11.38 9.03 14.25
N ASP A 206 12.01 9.69 13.28
CA ASP A 206 12.29 11.12 13.31
C ASP A 206 11.30 11.70 12.31
N GLY A 207 10.13 12.11 12.80
CA GLY A 207 8.98 12.28 11.92
C GLY A 207 9.18 13.33 10.82
N HIS A 208 9.57 14.54 11.20
CA HIS A 208 9.71 15.57 10.16
C HIS A 208 10.83 15.22 9.18
N TYR A 209 11.92 14.66 9.67
CA TYR A 209 12.98 14.20 8.77
C TYR A 209 12.47 13.11 7.83
N SER A 210 11.59 12.24 8.32
CA SER A 210 11.06 11.20 7.45
C SER A 210 10.24 11.79 6.30
N ILE A 211 9.55 12.90 6.56
CA ILE A 211 8.83 13.59 5.49
C ILE A 211 9.82 14.14 4.44
N THR A 212 10.90 14.77 4.91
CA THR A 212 11.92 15.25 3.98
C THR A 212 12.51 14.11 3.18
N CYS A 213 12.78 12.96 3.82
CA CYS A 213 13.35 11.83 3.09
C CYS A 213 12.38 11.30 2.04
N TYR A 214 11.10 11.15 2.38
CA TYR A 214 10.11 10.74 1.40
C TYR A 214 10.15 11.66 0.19
N LEU A 215 10.10 12.98 0.43
CA LEU A 215 10.03 13.92 -0.68
C LEU A 215 11.32 13.91 -1.50
N GLU A 216 12.47 13.77 -0.85
CA GLU A 216 13.74 13.70 -1.57
C GLU A 216 13.80 12.48 -2.46
N ALA A 217 13.48 11.31 -1.90
CA ALA A 217 13.49 10.08 -2.68
C ALA A 217 12.44 10.11 -3.77
N LEU A 218 11.26 10.62 -3.46
CA LEU A 218 10.24 10.80 -4.51
C LEU A 218 10.78 11.60 -5.68
N SER A 219 11.45 12.71 -5.38
CA SER A 219 11.95 13.58 -6.44
C SER A 219 12.89 12.82 -7.38
N GLY A 220 13.82 12.06 -6.80
CA GLY A 220 14.74 11.30 -7.63
C GLY A 220 14.05 10.20 -8.43
N ALA A 221 13.12 9.49 -7.80
CA ALA A 221 12.43 8.40 -8.49
C ALA A 221 11.57 8.93 -9.62
N TYR A 222 10.77 9.97 -9.33
CA TYR A 222 9.94 10.59 -10.36
C TYR A 222 10.79 11.09 -11.53
N ARG A 223 11.88 11.79 -11.25
CA ARG A 223 12.71 12.29 -12.34
C ARG A 223 13.26 11.15 -13.19
N GLY A 224 13.64 10.03 -12.58
CA GLY A 224 14.16 8.92 -13.35
C GLY A 224 13.09 8.31 -14.26
N TRP A 225 11.88 8.19 -13.76
CA TRP A 225 10.77 7.71 -14.60
C TRP A 225 10.50 8.70 -15.72
N ARG A 226 10.46 9.98 -15.40
CA ARG A 226 10.11 10.99 -16.38
C ARG A 226 11.08 10.98 -17.56
N GLU A 227 12.37 10.82 -17.29
CA GLU A 227 13.34 10.76 -18.37
C GLU A 227 13.05 9.61 -19.30
N LYS A 228 12.72 8.45 -18.74
CA LYS A 228 12.44 7.28 -19.56
C LYS A 228 11.10 7.43 -20.29
N ALA A 229 10.12 8.03 -19.64
CA ALA A 229 8.82 8.23 -20.27
C ALA A 229 8.91 9.22 -21.42
N LEU A 230 9.72 10.29 -21.24
CA LEU A 230 9.98 11.20 -22.35
C LEU A 230 10.60 10.47 -23.52
N ALA A 231 11.62 9.64 -23.26
CA ALA A 231 12.31 8.94 -24.34
C ALA A 231 11.42 7.88 -25.00
N ALA A 232 10.44 7.37 -24.27
CA ALA A 232 9.50 6.41 -24.85
C ALA A 232 8.32 7.09 -25.52
N GLY A 233 8.27 8.43 -25.51
CA GLY A 233 7.18 9.19 -26.10
C GLY A 233 5.87 9.17 -25.36
N LEU A 234 5.86 8.79 -24.09
CA LEU A 234 4.61 8.68 -23.35
C LEU A 234 4.16 10.01 -22.75
N VAL A 235 5.12 10.89 -22.47
CA VAL A 235 4.84 12.26 -22.04
C VAL A 235 5.77 13.17 -22.81
N ARG A 236 5.45 14.47 -22.81
CA ARG A 236 6.23 15.49 -23.52
C ARG A 236 6.27 16.75 -22.67
N TRP A 237 7.31 17.55 -22.89
CA TRP A 237 7.34 18.91 -22.33
C TRP A 237 6.54 19.75 -23.30
N SER A 238 5.31 20.09 -22.93
CA SER A 238 4.42 20.82 -23.82
C SER A 238 3.79 21.94 -23.00
N ASP A 239 2.61 22.39 -23.42
CA ASP A 239 1.89 23.35 -22.60
C ASP A 239 1.55 22.74 -21.26
N ALA A 240 1.39 21.43 -21.22
CA ALA A 240 1.18 20.69 -19.99
C ALA A 240 2.51 20.18 -19.46
N LEU A 241 2.67 20.24 -18.15
CA LEU A 241 3.83 19.64 -17.53
C LEU A 241 3.80 18.12 -17.77
N PRO A 242 4.97 17.47 -17.83
CA PRO A 242 4.98 16.00 -18.00
C PRO A 242 4.05 15.27 -17.04
N GLY A 243 4.11 15.58 -15.74
CA GLY A 243 3.32 14.86 -14.76
C GLY A 243 1.84 15.10 -14.88
N GLU A 244 1.43 16.20 -15.52
CA GLU A 244 0.01 16.48 -15.75
C GLU A 244 -0.60 15.56 -16.79
N GLN A 245 0.24 14.90 -17.60
CA GLN A 245 -0.25 14.00 -18.64
C GLN A 245 -0.62 12.63 -18.10
N LEU A 246 -0.25 12.33 -16.86
CA LEU A 246 -0.78 11.15 -16.19
C LEU A 246 -2.21 11.45 -15.75
N ALA A 247 -3.13 10.50 -15.96
CA ALA A 247 -4.52 10.77 -15.60
C ALA A 247 -4.66 10.93 -14.10
N ARG A 248 -3.95 10.09 -13.33
CA ARG A 248 -3.97 10.09 -11.88
C ARG A 248 -2.58 9.72 -11.42
N ILE A 249 -2.25 10.11 -10.19
CA ILE A 249 -1.03 9.66 -9.52
C ILE A 249 -1.41 9.19 -8.12
N ALA A 250 -0.99 7.99 -7.78
CA ALA A 250 -1.21 7.42 -6.45
C ALA A 250 0.13 7.38 -5.72
N TYR A 251 0.10 7.68 -4.42
CA TYR A 251 1.27 7.81 -3.59
C TYR A 251 1.15 6.92 -2.36
N HIS A 252 2.31 6.48 -1.85
CA HIS A 252 2.34 5.92 -0.52
C HIS A 252 1.69 6.87 0.47
N VAL A 253 0.76 6.35 1.26
CA VAL A 253 -0.05 7.16 2.17
C VAL A 253 0.25 6.76 3.61
N PRO A 254 1.22 7.39 4.26
CA PRO A 254 1.40 7.18 5.70
C PRO A 254 0.33 7.85 6.52
N PHE A 255 -0.19 8.96 6.00
CA PHE A 255 -1.35 9.70 6.48
C PHE A 255 -1.83 10.48 5.26
N CYS A 256 -3.11 10.83 5.25
CA CYS A 256 -3.72 11.26 4.00
C CYS A 256 -3.15 12.59 3.51
N LYS A 257 -2.83 13.52 4.41
CA LYS A 257 -2.27 14.80 4.00
CA LYS A 257 -2.27 14.80 3.99
C LYS A 257 -0.91 14.63 3.33
N MET A 258 -0.23 13.51 3.53
CA MET A 258 1.05 13.29 2.87
C MET A 258 0.90 13.25 1.35
N ALA A 259 -0.26 12.81 0.84
CA ALA A 259 -0.42 12.74 -0.61
C ALA A 259 -0.37 14.13 -1.23
N ARG A 260 -0.95 15.13 -0.58
CA ARG A 260 -0.88 16.49 -1.10
C ARG A 260 0.56 17.00 -1.10
N LYS A 261 1.29 16.74 -0.01
CA LYS A 261 2.70 17.14 0.03
C LYS A 261 3.49 16.49 -1.10
N ALA A 262 3.21 15.21 -1.34
CA ALA A 262 3.92 14.45 -2.36
C ALA A 262 3.60 15.01 -3.75
N HIS A 263 2.32 15.28 -4.02
CA HIS A 263 1.93 15.78 -5.34
C HIS A 263 2.50 17.17 -5.61
N THR A 264 2.49 18.03 -4.61
CA THR A 264 3.14 19.33 -4.74
C THR A 264 4.62 19.17 -5.10
N GLN A 265 5.32 18.23 -4.43
CA GLN A 265 6.73 18.04 -4.73
C GLN A 265 6.93 17.51 -6.14
N LEU A 266 6.10 16.57 -6.57
CA LEU A 266 6.24 16.04 -7.93
C LEU A 266 6.09 17.16 -8.94
N ARG A 267 5.08 18.01 -8.76
CA ARG A 267 4.87 19.13 -9.69
C ARG A 267 6.04 20.11 -9.63
N LEU A 268 6.57 20.36 -8.44
CA LEU A 268 7.76 21.21 -8.33
C LEU A 268 8.94 20.64 -9.11
N CYS A 269 9.08 19.31 -9.16
CA CYS A 269 10.16 18.73 -9.95
C CYS A 269 10.02 19.13 -11.40
N ASP A 270 8.79 19.09 -11.95
CA ASP A 270 8.58 19.55 -13.33
C ASP A 270 8.88 21.04 -13.45
N LEU A 271 8.39 21.83 -12.52
CA LEU A 271 8.53 23.29 -12.64
C LEU A 271 9.99 23.74 -12.50
N GLU A 272 10.76 23.07 -11.65
CA GLU A 272 12.17 23.43 -11.45
C GLU A 272 13.02 22.98 -12.62
N ASP A 273 12.59 21.93 -13.34
CA ASP A 273 13.40 21.30 -14.37
C ASP A 273 13.05 21.78 -15.77
N ALA A 274 11.95 22.50 -15.94
CA ALA A 274 11.55 22.95 -17.25
C ALA A 274 12.63 23.84 -17.84
N ALA A 275 12.81 23.72 -19.15
CA ALA A 275 13.85 24.50 -19.82
C ALA A 275 13.76 25.98 -19.48
N ASP A 276 12.55 26.50 -19.22
CA ASP A 276 12.36 27.92 -18.93
C ASP A 276 12.20 28.22 -17.43
N ALA A 277 12.73 27.36 -16.55
CA ALA A 277 12.56 27.59 -15.11
C ALA A 277 13.18 28.92 -14.66
N ALA A 278 14.19 29.43 -15.35
CA ALA A 278 14.85 30.64 -14.87
C ALA A 278 13.92 31.84 -14.83
N ALA A 279 12.83 31.83 -15.60
CA ALA A 279 11.86 32.92 -15.61
C ALA A 279 10.85 32.85 -14.46
N SER A 280 10.93 31.86 -13.59
CA SER A 280 10.03 31.73 -12.45
C SER A 280 10.78 32.03 -11.16
N THR A 281 10.03 32.09 -10.07
CA THR A 281 10.55 32.28 -8.73
C THR A 281 10.09 31.13 -7.84
N PRO A 282 10.72 30.93 -6.68
CA PRO A 282 10.20 29.92 -5.74
C PRO A 282 8.74 30.14 -5.41
N GLU A 283 8.35 31.41 -5.24
CA GLU A 283 6.97 31.74 -4.91
C GLU A 283 6.02 31.36 -6.04
N SER A 284 6.38 31.68 -7.28
CA SER A 284 5.48 31.34 -8.40
C SER A 284 5.45 29.85 -8.65
N ARG A 285 6.59 29.18 -8.51
CA ARG A 285 6.61 27.73 -8.71
C ARG A 285 5.79 27.03 -7.63
N GLU A 286 5.95 27.45 -6.38
CA GLU A 286 5.20 26.82 -5.30
CA GLU A 286 5.20 26.82 -5.31
C GLU A 286 3.70 26.99 -5.50
N ALA A 287 3.27 28.21 -5.88
CA ALA A 287 1.84 28.44 -6.05
C ALA A 287 1.28 27.57 -7.15
N GLN A 288 2.01 27.43 -8.27
CA GLN A 288 1.57 26.54 -9.33
C GLN A 288 1.61 25.08 -8.88
N ALA A 289 2.68 24.69 -8.20
CA ALA A 289 2.83 23.30 -7.78
C ALA A 289 1.68 22.85 -6.86
N LYS A 290 1.24 23.74 -5.99
CA LYS A 290 0.20 23.46 -5.01
C LYS A 290 -1.21 23.50 -5.60
N SER A 291 -1.33 23.73 -6.91
CA SER A 291 -2.61 23.78 -7.60
C SER A 291 -3.69 22.86 -7.02
N ALA A 292 -4.75 23.46 -6.50
CA ALA A 292 -5.88 22.65 -6.03
C ALA A 292 -6.49 21.86 -7.17
N ALA A 293 -6.58 22.48 -8.36
CA ALA A 293 -7.17 21.80 -9.51
C ALA A 293 -6.42 20.52 -9.84
N SER A 294 -5.09 20.56 -9.81
CA SER A 294 -4.31 19.37 -10.16
C SER A 294 -4.48 18.30 -9.11
N TYR A 295 -4.37 18.66 -7.83
CA TYR A 295 -4.56 17.67 -6.79
C TYR A 295 -5.96 17.05 -6.89
N ASP A 296 -6.97 17.86 -7.12
CA ASP A 296 -8.35 17.36 -7.21
C ASP A 296 -8.51 16.42 -8.39
N ALA A 297 -7.83 16.71 -9.51
CA ALA A 297 -7.98 15.92 -10.71
C ALA A 297 -7.17 14.65 -10.67
N GLN A 298 -6.00 14.68 -10.03
CA GLN A 298 -5.10 13.54 -10.13
C GLN A 298 -4.98 12.68 -8.88
N VAL A 299 -5.35 13.19 -7.69
CA VAL A 299 -4.98 12.53 -6.43
C VAL A 299 -6.14 12.37 -5.45
N ALA A 300 -7.06 13.33 -5.39
CA ALA A 300 -7.95 13.41 -4.23
C ALA A 300 -8.77 12.13 -4.03
N THR A 301 -9.21 11.50 -5.11
CA THR A 301 -10.14 10.38 -4.94
C THR A 301 -9.44 9.08 -4.57
N SER A 302 -8.12 9.09 -4.36
CA SER A 302 -7.38 7.89 -4.03
C SER A 302 -7.31 7.62 -2.53
N LEU A 303 -7.91 8.46 -1.68
CA LEU A 303 -7.66 8.41 -0.25
C LEU A 303 -8.84 7.90 0.59
N GLY A 304 -9.93 7.48 -0.03
CA GLY A 304 -11.11 7.12 0.73
C GLY A 304 -10.93 5.93 1.64
N LEU A 305 -10.24 4.89 1.16
CA LEU A 305 -9.98 3.75 2.03
C LEU A 305 -8.91 4.08 3.05
N ASN A 306 -7.83 4.73 2.63
CA ASN A 306 -6.73 5.04 3.55
C ASN A 306 -7.22 5.83 4.76
N SER A 307 -8.10 6.81 4.55
CA SER A 307 -8.57 7.66 5.63
C SER A 307 -9.36 6.90 6.69
N ARG A 308 -9.85 5.70 6.36
CA ARG A 308 -10.65 4.90 7.26
C ARG A 308 -9.88 3.75 7.87
N ILE A 309 -8.60 3.62 7.58
CA ILE A 309 -7.79 2.48 8.00
C ILE A 309 -6.53 2.94 8.71
N GLY A 310 -5.80 3.87 8.12
CA GLY A 310 -4.52 4.30 8.65
C GLY A 310 -3.37 3.80 7.78
N ASN A 311 -2.15 3.99 8.30
CA ASN A 311 -0.97 3.47 7.60
C ASN A 311 -0.96 1.95 7.70
N VAL A 312 -0.92 1.28 6.54
CA VAL A 312 -0.79 -0.17 6.45
C VAL A 312 0.58 -0.49 5.82
N TYR A 313 1.53 0.42 6.02
CA TYR A 313 2.90 0.26 5.58
C TYR A 313 3.02 -0.18 4.12
N THR A 314 3.49 -1.41 3.85
CA THR A 314 3.66 -1.83 2.46
C THR A 314 2.37 -1.73 1.65
N ALA A 315 1.21 -1.83 2.29
CA ALA A 315 -0.04 -1.85 1.56
C ALA A 315 -0.63 -0.46 1.28
N SER A 316 -0.05 0.61 1.85
CA SER A 316 -0.72 1.91 1.80
C SER A 316 -0.89 2.41 0.37
N LEU A 317 0.15 2.31 -0.46
CA LEU A 317 0.04 2.73 -1.85
C LEU A 317 -1.02 1.92 -2.57
N TYR A 318 -1.12 0.61 -2.26
CA TYR A 318 -2.04 -0.27 -2.97
C TYR A 318 -3.48 -0.07 -2.49
N LEU A 319 -3.67 0.36 -1.24
CA LEU A 319 -4.98 0.79 -0.78
CA LEU A 319 -4.98 0.78 -0.78
C LEU A 319 -5.42 2.07 -1.46
N ALA A 320 -4.47 2.94 -1.83
CA ALA A 320 -4.79 4.15 -2.59
C ALA A 320 -5.16 3.79 -4.03
N LEU A 321 -4.39 2.90 -4.65
CA LEU A 321 -4.77 2.38 -5.95
C LEU A 321 -6.16 1.76 -5.91
N ALA A 322 -6.45 1.00 -4.84
CA ALA A 322 -7.75 0.35 -4.72
C ALA A 322 -8.87 1.37 -4.64
N GLY A 323 -8.71 2.39 -3.82
CA GLY A 323 -9.75 3.40 -3.69
C GLY A 323 -9.98 4.14 -4.99
N LEU A 324 -8.91 4.50 -5.68
CA LEU A 324 -9.04 5.14 -6.99
C LEU A 324 -9.85 4.26 -7.95
N LEU A 325 -9.41 3.02 -8.15
CA LEU A 325 -10.07 2.17 -9.12
C LEU A 325 -11.47 1.73 -8.67
N GLN A 326 -11.73 1.71 -7.36
CA GLN A 326 -13.02 1.29 -6.85
C GLN A 326 -14.14 2.08 -7.52
N HIS A 327 -13.89 3.36 -7.75
CA HIS A 327 -14.91 4.25 -8.27
C HIS A 327 -14.65 4.73 -9.68
N GLU A 328 -13.42 4.66 -10.18
CA GLU A 328 -13.08 5.31 -11.44
C GLU A 328 -12.47 4.39 -12.49
N ALA A 329 -12.53 3.08 -12.28
CA ALA A 329 -11.86 2.14 -13.19
C ALA A 329 -12.38 2.24 -14.62
N GLY A 330 -13.70 2.36 -14.81
CA GLY A 330 -14.22 2.46 -16.16
C GLY A 330 -13.76 3.71 -16.88
N ALA A 331 -13.78 4.84 -16.17
CA ALA A 331 -13.34 6.11 -16.72
C ALA A 331 -11.86 6.08 -17.06
N LEU A 332 -11.08 5.36 -16.27
CA LEU A 332 -9.62 5.30 -16.43
C LEU A 332 -9.16 4.27 -17.44
N ALA A 333 -10.03 3.38 -17.90
CA ALA A 333 -9.63 2.37 -18.88
C ALA A 333 -8.99 3.05 -20.07
N GLY A 334 -7.81 2.55 -20.44
CA GLY A 334 -7.07 3.06 -21.55
C GLY A 334 -6.17 4.24 -21.22
N GLN A 335 -6.21 4.73 -19.99
CA GLN A 335 -5.42 5.88 -19.57
C GLN A 335 -4.26 5.41 -18.71
N ARG A 336 -3.16 6.14 -18.82
CA ARG A 336 -1.95 5.87 -18.06
C ARG A 336 -1.95 6.65 -16.75
N ILE A 337 -1.58 5.96 -15.67
CA ILE A 337 -1.49 6.54 -14.34
C ILE A 337 -0.09 6.29 -13.78
N GLY A 338 0.28 7.07 -12.77
CA GLY A 338 1.55 6.92 -12.09
C GLY A 338 1.39 6.49 -10.65
N LEU A 339 2.41 5.81 -10.12
CA LEU A 339 2.41 5.35 -8.75
C LEU A 339 3.78 5.59 -8.13
N LEU A 340 3.79 6.09 -6.90
CA LEU A 340 5.02 6.38 -6.17
C LEU A 340 5.01 5.55 -4.89
N SER A 341 5.99 4.65 -4.78
CA SER A 341 6.17 3.83 -3.60
C SER A 341 7.37 4.38 -2.85
N TYR A 342 7.25 4.51 -1.51
CA TYR A 342 8.35 4.92 -0.66
C TYR A 342 8.44 3.95 0.50
N GLY A 343 9.67 3.68 0.90
CA GLY A 343 9.95 3.01 2.16
C GLY A 343 11.08 3.73 2.89
N SER A 344 10.88 3.91 4.19
CA SER A 344 11.94 4.48 5.02
C SER A 344 13.16 3.58 5.05
N GLY A 345 14.34 4.17 5.23
CA GLY A 345 15.57 3.39 5.25
C GLY A 345 16.67 3.68 4.23
N CYS A 346 16.40 4.14 3.00
CA CYS A 346 15.11 4.36 2.37
C CYS A 346 15.21 4.02 0.88
N ALA A 347 14.05 3.92 0.23
CA ALA A 347 14.00 3.77 -1.22
C ALA A 347 12.64 4.27 -1.71
N ALA A 348 12.65 4.90 -2.87
CA ALA A 348 11.43 5.22 -3.59
C ALA A 348 11.53 4.69 -5.01
N GLU A 349 10.38 4.31 -5.55
CA GLU A 349 10.30 3.87 -6.93
C GLU A 349 9.02 4.44 -7.53
N PHE A 350 9.13 5.04 -8.71
CA PHE A 350 8.01 5.61 -9.43
C PHE A 350 7.82 4.81 -10.70
N TYR A 351 6.59 4.40 -10.96
CA TYR A 351 6.29 3.60 -12.12
C TYR A 351 4.93 3.98 -12.68
N SER A 352 4.66 3.52 -13.89
CA SER A 352 3.41 3.84 -14.56
C SER A 352 2.79 2.61 -15.19
N GLY A 353 1.52 2.73 -15.52
CA GLY A 353 0.82 1.69 -16.24
C GLY A 353 -0.51 2.20 -16.75
N THR A 354 -1.15 1.39 -17.58
CA THR A 354 -2.41 1.73 -18.23
C THR A 354 -3.54 0.89 -17.64
N VAL A 355 -4.60 1.54 -17.20
CA VAL A 355 -5.74 0.82 -16.61
C VAL A 355 -6.45 0.03 -17.70
N GLY A 356 -6.85 -1.18 -17.37
CA GLY A 356 -7.43 -2.07 -18.36
C GLY A 356 -8.92 -1.87 -18.55
N GLU A 357 -9.39 -2.39 -19.69
CA GLU A 357 -10.81 -2.34 -20.02
C GLU A 357 -11.66 -3.03 -18.97
N LYS A 358 -11.18 -4.15 -18.43
CA LYS A 358 -11.93 -4.91 -17.45
C LYS A 358 -11.63 -4.53 -16.01
N ALA A 359 -10.92 -3.42 -15.76
CA ALA A 359 -10.62 -3.04 -14.38
C ALA A 359 -11.88 -2.88 -13.55
N ALA A 360 -12.93 -2.30 -14.12
CA ALA A 360 -14.16 -2.10 -13.35
C ALA A 360 -14.75 -3.44 -12.89
N GLU A 361 -14.71 -4.44 -13.77
CA GLU A 361 -15.18 -5.79 -13.42
C GLU A 361 -14.40 -6.35 -12.24
N ARG A 362 -13.08 -6.26 -12.31
CA ARG A 362 -12.25 -6.81 -11.24
CA ARG A 362 -12.25 -6.81 -11.24
C ARG A 362 -12.47 -6.08 -9.93
N MET A 363 -12.67 -4.76 -9.98
CA MET A 363 -12.91 -4.00 -8.77
C MET A 363 -14.28 -4.30 -8.19
N ALA A 364 -15.28 -4.50 -9.05
CA ALA A 364 -16.59 -4.84 -8.53
C ALA A 364 -16.52 -6.15 -7.74
N LYS A 365 -15.75 -7.12 -8.23
CA LYS A 365 -15.63 -8.40 -7.56
C LYS A 365 -14.88 -8.28 -6.24
N ALA A 366 -14.06 -7.24 -6.06
CA ALA A 366 -13.36 -7.04 -4.79
C ALA A 366 -14.30 -6.59 -3.67
N ASP A 367 -15.47 -6.07 -4.01
CA ASP A 367 -16.53 -5.79 -3.05
C ASP A 367 -16.00 -5.05 -1.82
N LEU A 368 -15.32 -3.92 -2.06
CA LEU A 368 -14.57 -3.28 -0.98
C LEU A 368 -15.46 -2.62 0.07
N GLU A 369 -16.63 -2.11 -0.28
CA GLU A 369 -17.44 -1.55 0.80
C GLU A 369 -17.89 -2.62 1.78
N ALA A 370 -18.08 -3.84 1.32
CA ALA A 370 -18.43 -4.93 2.23
C ALA A 370 -17.26 -5.26 3.17
N VAL A 371 -16.04 -5.23 2.66
CA VAL A 371 -14.87 -5.42 3.52
C VAL A 371 -14.86 -4.38 4.63
N LEU A 372 -15.12 -3.12 4.28
CA LEU A 372 -15.03 -2.10 5.31
C LEU A 372 -16.22 -2.14 6.25
N ALA A 373 -17.38 -2.59 5.76
CA ALA A 373 -18.59 -2.60 6.57
C ALA A 373 -18.56 -3.64 7.68
N ARG A 374 -17.71 -4.66 7.57
CA ARG A 374 -17.71 -5.73 8.56
C ARG A 374 -17.08 -5.30 9.89
N ARG A 375 -16.36 -4.20 9.92
CA ARG A 375 -15.64 -3.80 11.12
C ARG A 375 -16.58 -3.26 12.19
N GLU A 376 -16.09 -3.22 13.43
CA GLU A 376 -16.79 -2.59 14.54
C GLU A 376 -15.90 -1.54 15.21
N ARG A 377 -16.53 -0.47 15.68
CA ARG A 377 -15.86 0.56 16.44
C ARG A 377 -15.67 0.11 17.88
N VAL A 378 -14.51 0.46 18.45
CA VAL A 378 -14.23 0.25 19.86
C VAL A 378 -13.75 1.56 20.50
N SER A 379 -13.67 1.55 21.82
CA SER A 379 -13.19 2.70 22.58
C SER A 379 -11.67 2.79 22.54
N ILE A 380 -11.17 3.97 22.92
CA ILE A 380 -9.73 4.12 23.07
C ILE A 380 -9.22 3.23 24.19
N GLU A 381 -9.99 3.16 25.29
CA GLU A 381 -9.66 2.27 26.40
C GLU A 381 -9.45 0.83 25.93
N GLU A 382 -10.33 0.34 25.05
CA GLU A 382 -10.22 -1.04 24.57
C GLU A 382 -9.06 -1.19 23.61
N TYR A 383 -8.87 -0.19 22.72
CA TYR A 383 -7.69 -0.17 21.86
C TYR A 383 -6.41 -0.30 22.69
N GLU A 384 -6.33 0.47 23.79
CA GLU A 384 -5.15 0.43 24.65
C GLU A 384 -5.00 -0.93 25.32
N ARG A 385 -6.10 -1.51 25.81
CA ARG A 385 -6.04 -2.83 26.42
C ARG A 385 -5.51 -3.86 25.42
N LEU A 386 -6.01 -3.81 24.19
CA LEU A 386 -5.57 -4.75 23.16
C LEU A 386 -4.12 -4.52 22.77
N MET A 387 -3.70 -3.25 22.69
CA MET A 387 -2.31 -2.90 22.41
C MET A 387 -1.38 -3.50 23.44
N LYS A 388 -1.79 -3.53 24.70
CA LYS A 388 -0.95 -4.04 25.77
C LYS A 388 -0.87 -5.56 25.79
N LEU A 389 -1.73 -6.26 25.08
CA LEU A 389 -1.63 -7.72 25.09
C LEU A 389 -0.33 -8.17 24.43
N PRO A 390 0.34 -9.19 24.97
CA PRO A 390 1.52 -9.74 24.30
C PRO A 390 1.14 -10.37 22.98
N ALA A 391 2.15 -10.47 22.12
CA ALA A 391 1.92 -10.96 20.76
C ALA A 391 1.44 -12.40 20.74
N ASP A 392 1.64 -13.15 21.83
CA ASP A 392 1.21 -14.54 21.87
C ASP A 392 -0.13 -14.72 22.57
N ALA A 393 -0.93 -13.66 22.69
CA ALA A 393 -2.18 -13.72 23.46
C ALA A 393 -3.36 -13.22 22.65
N PRO A 394 -3.74 -13.92 21.59
CA PRO A 394 -4.92 -13.50 20.82
C PRO A 394 -6.18 -13.58 21.65
N GLU A 395 -7.11 -12.69 21.34
CA GLU A 395 -8.45 -12.75 21.92
C GLU A 395 -9.22 -13.98 21.43
N ALA A 396 -10.15 -14.44 22.27
CA ALA A 396 -10.95 -15.63 21.99
C ALA A 396 -12.18 -15.21 21.19
N VAL A 397 -11.97 -14.99 19.90
CA VAL A 397 -13.02 -14.62 18.97
C VAL A 397 -12.77 -15.40 17.69
N ALA A 398 -13.85 -15.76 17.02
CA ALA A 398 -13.76 -16.50 15.79
C ALA A 398 -13.40 -15.57 14.62
N PRO A 399 -12.70 -16.09 13.62
CA PRO A 399 -12.55 -15.30 12.39
C PRO A 399 -13.87 -15.28 11.64
N SER A 400 -14.00 -14.26 10.78
CA SER A 400 -15.15 -14.18 9.90
CA SER A 400 -15.15 -14.17 9.90
C SER A 400 -15.05 -15.25 8.83
N PRO A 401 -16.14 -15.51 8.10
CA PRO A 401 -16.11 -16.63 7.13
C PRO A 401 -14.97 -16.46 6.14
N GLY A 402 -14.16 -17.51 6.02
CA GLY A 402 -13.05 -17.53 5.10
C GLY A 402 -11.84 -16.73 5.52
N ALA A 403 -11.93 -16.02 6.64
CA ALA A 403 -10.80 -15.28 7.18
C ALA A 403 -10.04 -16.17 8.17
N PHE A 404 -8.91 -15.65 8.64
CA PHE A 404 -8.00 -16.38 9.51
C PHE A 404 -7.64 -15.53 10.72
N ARG A 405 -7.33 -16.23 11.84
CA ARG A 405 -6.77 -15.63 13.04
C ARG A 405 -5.70 -16.55 13.62
N LEU A 406 -4.67 -15.95 14.22
CA LEU A 406 -3.77 -16.67 15.10
C LEU A 406 -4.54 -17.04 16.36
N THR A 407 -4.41 -18.30 16.79
CA THR A 407 -5.13 -18.74 17.98
C THR A 407 -4.24 -18.90 19.18
N GLU A 408 -2.99 -19.32 18.98
CA GLU A 408 -2.08 -19.60 20.08
C GLU A 408 -0.71 -19.89 19.49
N ILE A 409 0.29 -19.87 20.34
CA ILE A 409 1.62 -20.37 20.01
C ILE A 409 1.86 -21.53 20.96
N ARG A 410 2.18 -22.69 20.42
CA ARG A 410 2.35 -23.91 21.20
C ARG A 410 3.66 -24.53 20.76
N ASP A 411 4.56 -24.75 21.72
CA ASP A 411 5.87 -25.32 21.42
C ASP A 411 6.55 -24.54 20.29
N HIS A 412 6.41 -23.22 20.34
CA HIS A 412 7.02 -22.26 19.43
C HIS A 412 6.44 -22.30 18.02
N ARG A 413 5.35 -23.04 17.82
CA ARG A 413 4.68 -23.15 16.53
C ARG A 413 3.39 -22.34 16.58
N ARG A 414 3.22 -21.46 15.60
CA ARG A 414 2.03 -20.63 15.53
C ARG A 414 0.88 -21.44 14.96
N GLN A 415 -0.27 -21.31 15.61
CA GLN A 415 -1.49 -22.01 15.23
C GLN A 415 -2.53 -21.01 14.77
N TYR A 416 -3.31 -21.41 13.76
CA TYR A 416 -4.31 -20.55 13.13
C TYR A 416 -5.63 -21.28 12.99
N ALA A 417 -6.70 -20.48 12.88
CA ALA A 417 -8.04 -20.94 12.62
C ALA A 417 -8.60 -20.20 11.41
N GLU A 418 -9.41 -20.91 10.63
CA GLU A 418 -10.14 -20.36 9.50
C GLU A 418 -11.61 -20.26 9.88
N GLY A 419 -12.20 -19.10 9.61
CA GLY A 419 -13.58 -18.88 10.00
C GLY A 419 -14.53 -19.67 9.15
N ASN A 420 -15.57 -20.17 9.79
CA ASN A 420 -16.66 -20.87 9.16
C ASN A 420 -17.82 -19.90 8.96
#